data_4E9D
#
_entry.id   4E9D
#
_cell.length_a   35.873
_cell.length_b   36.302
_cell.length_c   47.474
_cell.angle_alpha   85.84
_cell.angle_beta   77.21
_cell.angle_gamma   68.24
#
_symmetry.space_group_name_H-M   'P 1'
#
loop_
_entity.id
_entity.type
_entity.pdbx_description
1 polymer 'Serine/threonine-protein kinase PLK1'
2 polymer '3-(1-benzothiophen-2-yl)propanoyl-derivatized DPPLHSpTA peptide'
3 non-polymer GLYCEROL
4 water water
#
loop_
_entity_poly.entity_id
_entity_poly.type
_entity_poly.pdbx_seq_one_letter_code
_entity_poly.pdbx_strand_id
1 'polypeptide(L)'
;GPLGSPEFDCHLSDMLQQLHSVNASKPSERGLVRQEEAEDPACIPIFWVSKWVDYSDKYGLGYQLCDNSVGVLFNDSTRL
ILYNDGDSLQYIERDGTESYLTVSSHPNSLMKKITLLKYFRNYMSEHLLKAGANITPREGDELARLPYLRTWFRTRSAII
LHLSNGSVQINFFQDHTKLILCPLMAAVTYIDEKRDFRTYRLSLLEEYGCCKELASRLRYARTMVDKLLSSR
;
A
2 'polypeptide(L)' (0OB)DPPLHS(TPO)A(NH2) E
#
# COMPACT_ATOMS: atom_id res chain seq x y z
N HIS A 11 -5.51 9.25 -10.79
CA HIS A 11 -5.59 9.90 -9.45
C HIS A 11 -4.20 10.22 -8.90
N LEU A 12 -3.16 9.66 -9.54
CA LEU A 12 -1.77 9.91 -9.15
C LEU A 12 -1.42 11.40 -9.32
N SER A 13 -2.08 12.04 -10.28
CA SER A 13 -1.93 13.47 -10.53
C SER A 13 -2.79 14.31 -9.58
N ASP A 14 -3.95 13.77 -9.20
CA ASP A 14 -4.81 14.42 -8.22
C ASP A 14 -4.16 14.49 -6.85
N MET A 15 -3.36 13.47 -6.54
CA MET A 15 -2.61 13.38 -5.28
C MET A 15 -1.60 14.51 -5.13
N LEU A 16 -1.02 14.96 -6.24
CA LEU A 16 -0.12 16.12 -6.25
C LEU A 16 -0.82 17.41 -5.82
N GLN A 17 -2.04 17.61 -6.32
CA GLN A 17 -2.81 18.82 -6.05
C GLN A 17 -3.29 18.93 -4.60
N GLN A 18 -3.48 17.77 -3.95
CA GLN A 18 -3.89 17.71 -2.55
C GLN A 18 -2.71 17.92 -1.61
N LEU A 19 -1.56 17.36 -1.99
CA LEU A 19 -0.33 17.45 -1.20
C LEU A 19 0.41 18.77 -1.41
N HIS A 20 0.00 19.54 -2.42
CA HIS A 20 0.53 20.87 -2.66
C HIS A 20 -0.10 21.89 -1.72
N SER A 21 -1.40 21.80 -1.56
CA SER A 21 -2.18 22.76 -0.76
C SER A 21 -1.87 22.65 0.73
N VAL A 22 -1.71 21.41 1.22
CA VAL A 22 -1.43 21.16 2.64
C VAL A 22 -0.02 21.62 3.04
N ASN A 23 0.93 21.43 2.14
CA ASN A 23 2.32 21.82 2.37
C ASN A 23 2.53 23.33 2.22
N ALA A 24 1.77 23.94 1.30
CA ALA A 24 1.82 25.39 1.08
C ALA A 24 1.22 26.17 2.25
N SER A 25 0.50 25.46 3.12
CA SER A 25 -0.09 26.07 4.32
C SER A 25 0.85 25.93 5.53
N LYS A 26 1.86 25.07 5.39
CA LYS A 26 2.88 24.82 6.42
C LYS A 26 2.27 24.43 7.78
N PRO A 27 1.85 23.15 7.90
CA PRO A 27 1.05 22.69 9.05
C PRO A 27 1.80 22.61 10.38
N SER A 28 3.13 22.62 10.35
CA SER A 28 3.93 22.57 11.59
C SER A 28 4.28 23.97 12.11
N GLU A 29 4.28 24.97 11.22
CA GLU A 29 4.66 26.33 11.60
C GLU A 29 3.44 27.18 11.99
N ARG A 30 2.74 26.74 13.03
CA ARG A 30 1.50 27.38 13.48
C ARG A 30 1.60 27.88 14.92
N GLY A 31 0.73 28.82 15.28
CA GLY A 31 0.64 29.33 16.64
C GLY A 31 0.22 28.24 17.61
N LEU A 32 -0.76 27.44 17.20
CA LEU A 32 -1.21 26.30 17.98
C LEU A 32 -1.66 25.14 17.10
N VAL A 33 -1.02 23.99 17.29
CA VAL A 33 -1.31 22.79 16.50
C VAL A 33 -2.46 22.00 17.14
N ARG A 34 -3.45 21.66 16.33
CA ARG A 34 -4.61 20.90 16.79
C ARG A 34 -5.03 19.84 15.76
N GLN A 35 -4.21 18.81 15.59
CA GLN A 35 -4.49 17.77 14.59
C GLN A 35 -5.57 16.76 15.02
N GLU A 36 -5.86 16.72 16.31
CA GLU A 36 -6.91 15.85 16.85
C GLU A 36 -8.29 16.26 16.32
N GLU A 37 -8.45 17.54 16.01
CA GLU A 37 -9.70 18.10 15.50
C GLU A 37 -9.87 17.84 14.00
N ALA A 38 -8.83 17.33 13.36
CA ALA A 38 -8.85 16.99 11.94
C ALA A 38 -9.19 15.52 11.69
N GLU A 39 -9.41 14.78 12.76
CA GLU A 39 -9.68 13.33 12.69
C GLU A 39 -11.01 13.02 12.00
N ASP A 40 -11.03 11.86 11.32
CA ASP A 40 -12.21 11.37 10.63
C ASP A 40 -12.10 9.85 10.44
N PRO A 41 -12.54 9.07 11.45
CA PRO A 41 -12.46 7.60 11.45
C PRO A 41 -13.22 6.88 10.32
N ALA A 42 -14.24 7.53 9.76
CA ALA A 42 -15.03 6.94 8.69
C ALA A 42 -14.32 6.91 7.32
N CYS A 43 -13.09 7.41 7.27
CA CYS A 43 -12.30 7.45 6.04
C CYS A 43 -11.24 6.35 5.95
N ILE A 44 -11.13 5.54 7.00
CA ILE A 44 -10.23 4.37 7.04
C ILE A 44 -10.32 3.60 5.72
N PRO A 45 -9.15 3.27 5.12
CA PRO A 45 -9.14 2.56 3.83
C PRO A 45 -9.76 1.18 3.91
N ILE A 46 -10.10 0.60 2.77
CA ILE A 46 -10.57 -0.79 2.73
C ILE A 46 -9.35 -1.71 2.63
N PHE A 47 -8.37 -1.32 1.82
CA PHE A 47 -7.19 -2.13 1.57
C PHE A 47 -5.89 -1.40 1.89
N TRP A 48 -4.91 -2.16 2.39
CA TRP A 48 -3.52 -1.72 2.54
C TRP A 48 -2.60 -2.94 2.56
N VAL A 49 -1.30 -2.72 2.37
CA VAL A 49 -0.33 -3.82 2.30
C VAL A 49 0.23 -4.12 3.68
N SER A 50 -0.10 -5.30 4.20
CA SER A 50 0.31 -5.72 5.54
C SER A 50 1.67 -6.43 5.58
N LYS A 51 2.01 -7.14 4.50
CA LYS A 51 3.31 -7.83 4.40
C LYS A 51 3.88 -7.75 2.99
N TRP A 52 5.21 -7.66 2.88
CA TRP A 52 5.88 -7.72 1.59
C TRP A 52 7.18 -8.53 1.60
N VAL A 53 7.57 -9.04 0.43
CA VAL A 53 8.80 -9.81 0.27
C VAL A 53 9.51 -9.40 -1.03
N ASP A 54 10.69 -8.81 -0.95
CA ASP A 54 11.51 -8.45 -2.10
C ASP A 54 12.26 -9.68 -2.52
N TYR A 55 12.05 -10.07 -3.75
CA TYR A 55 12.85 -11.05 -4.40
C TYR A 55 12.97 -10.76 -5.85
N SER A 56 13.06 -9.49 -6.22
CA SER A 56 13.08 -8.98 -7.59
C SER A 56 14.38 -9.31 -8.34
N ASP A 57 15.40 -9.74 -7.60
CA ASP A 57 16.66 -10.18 -8.20
C ASP A 57 16.55 -11.55 -8.87
N LYS A 58 15.41 -12.24 -8.66
CA LYS A 58 15.16 -13.56 -9.24
C LYS A 58 13.70 -13.78 -9.66
N TYR A 59 12.78 -13.48 -8.76
CA TYR A 59 11.36 -13.78 -8.95
C TYR A 59 10.50 -12.56 -9.15
N GLY A 60 10.37 -11.77 -8.11
CA GLY A 60 9.56 -10.57 -8.13
C GLY A 60 9.18 -10.13 -6.76
N LEU A 61 8.48 -9.05 -6.63
CA LEU A 61 7.96 -8.65 -5.33
C LEU A 61 6.65 -9.35 -5.04
N GLY A 62 6.54 -9.93 -3.84
CA GLY A 62 5.29 -10.52 -3.37
C GLY A 62 4.77 -9.71 -2.20
N TYR A 63 3.45 -9.61 -2.11
CA TYR A 63 2.79 -8.83 -1.06
C TYR A 63 1.58 -9.55 -0.46
N GLN A 64 1.18 -9.10 0.73
CA GLN A 64 -0.03 -9.59 1.37
C GLN A 64 -0.92 -8.42 1.77
N LEU A 65 -2.14 -8.40 1.25
CA LEU A 65 -3.12 -7.38 1.61
C LEU A 65 -3.76 -7.71 2.96
N CYS A 66 -4.43 -6.72 3.54
CA CYS A 66 -4.98 -6.84 4.91
C CYS A 66 -6.06 -7.91 5.10
N ASP A 67 -6.65 -8.39 4.01
CA ASP A 67 -7.66 -9.45 4.05
C ASP A 67 -7.04 -10.86 3.89
N ASN A 68 -5.74 -10.95 4.14
CA ASN A 68 -4.97 -12.20 4.04
C ASN A 68 -4.74 -12.70 2.61
N SER A 69 -5.28 -11.96 1.64
CA SER A 69 -5.01 -12.18 0.22
C SER A 69 -3.53 -11.93 -0.08
N VAL A 70 -2.97 -12.78 -0.94
CA VAL A 70 -1.56 -12.67 -1.30
C VAL A 70 -1.40 -12.36 -2.78
N GLY A 71 -0.54 -11.38 -3.06
CA GLY A 71 -0.26 -10.99 -4.44
C GLY A 71 1.22 -11.05 -4.72
N VAL A 72 1.56 -11.20 -6.00
CA VAL A 72 2.96 -11.25 -6.44
C VAL A 72 3.11 -10.59 -7.81
N LEU A 73 4.10 -9.71 -7.92
CA LEU A 73 4.41 -9.02 -9.17
C LEU A 73 5.73 -9.55 -9.74
N PHE A 74 5.64 -10.20 -10.90
CA PHE A 74 6.81 -10.84 -11.50
C PHE A 74 7.73 -9.85 -12.22
N ASN A 75 8.96 -10.30 -12.52
CA ASN A 75 9.97 -9.45 -13.13
C ASN A 75 9.65 -8.98 -14.56
N ASP A 76 8.78 -9.72 -15.25
CA ASP A 76 8.34 -9.33 -16.60
C ASP A 76 7.06 -8.49 -16.58
N SER A 77 6.80 -7.86 -15.43
CA SER A 77 5.65 -6.96 -15.23
C SER A 77 4.28 -7.66 -15.30
N THR A 78 4.27 -8.95 -14.96
CA THR A 78 3.04 -9.75 -14.91
C THR A 78 2.69 -10.10 -13.46
N ARG A 79 1.40 -10.15 -13.15
CA ARG A 79 0.93 -10.38 -11.78
C ARG A 79 -0.06 -11.54 -11.68
N LEU A 80 0.05 -12.30 -10.60
CA LEU A 80 -0.91 -13.36 -10.29
C LEU A 80 -1.33 -13.29 -8.82
N ILE A 81 -2.61 -13.00 -8.60
CA ILE A 81 -3.15 -12.87 -7.25
C ILE A 81 -3.92 -14.12 -6.83
N LEU A 82 -3.75 -14.53 -5.59
CA LEU A 82 -4.56 -15.60 -5.02
C LEU A 82 -5.60 -14.98 -4.09
N TYR A 83 -6.82 -15.50 -4.15
CA TYR A 83 -7.94 -14.95 -3.37
C TYR A 83 -8.00 -15.47 -1.95
N ASN A 84 -8.97 -14.95 -1.19
CA ASN A 84 -9.13 -15.25 0.24
C ASN A 84 -9.62 -16.67 0.57
N ASP A 85 -10.26 -17.34 -0.39
CA ASP A 85 -10.71 -18.72 -0.19
C ASP A 85 -9.59 -19.76 -0.36
N GLY A 86 -8.48 -19.34 -0.96
CA GLY A 86 -7.30 -20.19 -1.12
C GLY A 86 -7.29 -21.04 -2.38
N ASP A 87 -8.12 -20.66 -3.35
CA ASP A 87 -8.31 -21.44 -4.57
C ASP A 87 -8.45 -20.57 -5.82
N SER A 88 -9.13 -19.44 -5.69
CA SER A 88 -9.40 -18.54 -6.81
C SER A 88 -8.16 -17.74 -7.22
N LEU A 89 -7.79 -17.83 -8.49
CA LEU A 89 -6.62 -17.17 -9.02
C LEU A 89 -6.97 -16.15 -10.10
N GLN A 90 -6.50 -14.91 -9.90
CA GLN A 90 -6.62 -13.86 -10.92
C GLN A 90 -5.24 -13.48 -11.47
N TYR A 91 -5.13 -13.47 -12.79
CA TYR A 91 -3.88 -13.15 -13.47
C TYR A 91 -3.99 -11.88 -14.31
N ILE A 92 -3.06 -10.95 -14.09
CA ILE A 92 -2.98 -9.71 -14.84
C ILE A 92 -1.70 -9.70 -15.68
N GLU A 93 -1.83 -9.31 -16.94
CA GLU A 93 -0.72 -9.39 -17.91
C GLU A 93 0.07 -8.08 -18.00
N ARG A 94 1.07 -8.05 -18.89
CA ARG A 94 1.95 -6.90 -19.04
C ARG A 94 1.33 -5.78 -19.90
N ASP A 95 0.06 -5.50 -19.67
CA ASP A 95 -0.68 -4.44 -20.37
C ASP A 95 -1.96 -4.09 -19.61
N GLY A 96 -2.26 -4.87 -18.57
CA GLY A 96 -3.42 -4.65 -17.72
C GLY A 96 -4.64 -5.48 -18.08
N THR A 97 -4.40 -6.64 -18.69
CA THR A 97 -5.48 -7.56 -19.07
C THR A 97 -5.65 -8.65 -18.01
N GLU A 98 -6.90 -8.85 -17.58
CA GLU A 98 -7.21 -9.73 -16.45
C GLU A 98 -7.81 -11.08 -16.86
N SER A 99 -7.50 -12.12 -16.08
CA SER A 99 -8.02 -13.48 -16.32
C SER A 99 -8.38 -14.18 -15.02
N TYR A 100 -9.32 -15.13 -15.08
CA TYR A 100 -9.80 -15.82 -13.90
C TYR A 100 -9.77 -17.36 -14.04
N LEU A 101 -9.12 -18.01 -13.07
CA LEU A 101 -9.02 -19.48 -13.01
C LEU A 101 -8.85 -19.99 -11.56
N THR A 102 -8.66 -21.30 -11.40
CA THR A 102 -8.63 -21.93 -10.08
C THR A 102 -7.40 -22.83 -9.85
N VAL A 103 -7.08 -23.08 -8.58
CA VAL A 103 -5.92 -23.88 -8.18
C VAL A 103 -6.11 -25.38 -8.49
N SER A 104 -7.17 -25.97 -7.96
CA SER A 104 -7.46 -27.40 -8.12
C SER A 104 -7.58 -27.82 -9.59
N SER A 105 -8.32 -27.04 -10.37
CA SER A 105 -8.35 -27.21 -11.82
C SER A 105 -7.12 -26.53 -12.41
N HIS A 106 -6.03 -27.28 -12.49
CA HIS A 106 -4.69 -26.75 -12.79
C HIS A 106 -4.49 -26.27 -14.22
N PRO A 107 -4.16 -24.98 -14.40
CA PRO A 107 -3.77 -24.42 -15.69
C PRO A 107 -2.27 -24.61 -15.96
N ASN A 108 -1.94 -25.42 -16.96
CA ASN A 108 -0.54 -25.83 -17.23
C ASN A 108 0.39 -24.69 -17.65
N SER A 109 -0.17 -23.68 -18.30
CA SER A 109 0.62 -22.55 -18.79
C SER A 109 1.15 -21.64 -17.68
N LEU A 110 0.46 -21.62 -16.55
CA LEU A 110 0.83 -20.78 -15.40
C LEU A 110 1.39 -21.57 -14.22
N MET A 111 1.50 -22.88 -14.38
CA MET A 111 1.84 -23.80 -13.30
C MET A 111 3.15 -23.46 -12.56
N LYS A 112 4.08 -22.85 -13.28
CA LYS A 112 5.34 -22.38 -12.69
C LYS A 112 5.09 -21.21 -11.73
N LYS A 113 4.21 -20.30 -12.14
CA LYS A 113 3.91 -19.10 -11.34
C LYS A 113 3.00 -19.38 -10.14
N ILE A 114 2.21 -20.44 -10.23
CA ILE A 114 1.40 -20.91 -9.10
C ILE A 114 2.30 -21.41 -7.97
N THR A 115 3.29 -22.22 -8.33
CA THR A 115 4.25 -22.77 -7.37
C THR A 115 5.16 -21.69 -6.77
N LEU A 116 5.46 -20.65 -7.56
CA LEU A 116 6.23 -19.50 -7.07
C LEU A 116 5.42 -18.63 -6.13
N LEU A 117 4.15 -18.42 -6.46
CA LEU A 117 3.21 -17.69 -5.60
C LEU A 117 3.14 -18.37 -4.23
N LYS A 118 3.06 -19.71 -4.25
CA LYS A 118 2.99 -20.52 -3.03
C LYS A 118 4.19 -20.34 -2.11
N TYR A 119 5.36 -20.13 -2.62
CA TYR A 119 6.52 -19.80 -1.82
C TYR A 119 6.35 -18.49 -1.10
N PHE A 120 5.86 -17.48 -1.78
CA PHE A 120 5.56 -16.20 -1.14
C PHE A 120 4.46 -16.33 -0.08
N ARG A 121 3.40 -17.05 -0.41
CA ARG A 121 2.25 -17.23 0.48
C ARG A 121 2.58 -17.97 1.76
N ASN A 122 3.33 -19.07 1.64
CA ASN A 122 3.79 -19.82 2.80
C ASN A 122 4.70 -18.99 3.68
N TYR A 123 5.66 -18.30 3.06
CA TYR A 123 6.68 -17.50 3.76
C TYR A 123 6.09 -16.40 4.66
N MET A 124 5.03 -15.76 4.18
CA MET A 124 4.42 -14.64 4.91
C MET A 124 3.55 -15.09 6.09
N SER A 125 2.83 -16.19 5.91
CA SER A 125 2.00 -16.79 6.96
C SER A 125 2.84 -17.38 8.09
N GLU A 126 4.05 -17.83 7.76
CA GLU A 126 4.92 -18.50 8.72
C GLU A 126 5.92 -17.57 9.42
N HIS A 127 6.53 -16.65 8.67
CA HIS A 127 7.71 -15.92 9.16
C HIS A 127 7.55 -14.41 9.39
N LEU A 128 6.49 -13.80 8.83
CA LEU A 128 6.35 -12.33 8.90
C LEU A 128 5.24 -11.82 9.83
N LEU A 129 5.37 -10.55 10.20
CA LEU A 129 4.48 -9.87 11.14
C LEU A 129 3.43 -9.04 10.38
N LYS A 130 2.18 -9.10 10.80
CA LYS A 130 1.09 -8.39 10.13
C LYS A 130 0.99 -6.92 10.55
N ALA A 131 0.84 -6.03 9.58
CA ALA A 131 0.81 -4.58 9.82
C ALA A 131 -0.59 -3.98 9.78
N GLY A 132 -0.88 -3.13 10.77
CA GLY A 132 -2.20 -2.56 10.96
C GLY A 132 -3.20 -3.56 11.50
N ALA A 133 -2.67 -4.60 12.15
CA ALA A 133 -3.44 -5.81 12.50
C ALA A 133 -4.70 -5.55 13.33
N ASN A 134 -4.54 -4.86 14.47
CA ASN A 134 -5.65 -4.56 15.36
C ASN A 134 -6.74 -3.68 14.74
N ILE A 135 -6.35 -2.85 13.77
CA ILE A 135 -7.26 -1.91 13.09
C ILE A 135 -8.37 -2.64 12.34
N THR A 136 -9.60 -2.17 12.53
CA THR A 136 -10.76 -2.69 11.80
C THR A 136 -10.88 -1.99 10.44
N PRO A 137 -10.80 -2.76 9.33
CA PRO A 137 -10.88 -2.21 7.97
C PRO A 137 -12.24 -1.62 7.64
N ARG A 138 -12.31 -0.85 6.55
CA ARG A 138 -13.56 -0.24 6.12
C ARG A 138 -14.42 -1.25 5.36
N GLU A 139 -15.73 -1.06 5.44
CA GLU A 139 -16.70 -1.93 4.80
C GLU A 139 -16.80 -1.64 3.32
N GLY A 140 -16.79 -2.70 2.51
CA GLY A 140 -16.87 -2.57 1.06
C GLY A 140 -17.82 -3.59 0.44
N ASP A 141 -17.83 -3.62 -0.89
CA ASP A 141 -18.60 -4.61 -1.64
C ASP A 141 -17.90 -5.95 -1.54
N GLU A 142 -18.63 -6.95 -1.03
CA GLU A 142 -18.08 -8.29 -0.79
C GLU A 142 -17.50 -8.94 -2.04
N LEU A 143 -18.20 -8.78 -3.17
CA LEU A 143 -17.83 -9.49 -4.42
C LEU A 143 -17.00 -8.66 -5.39
N ALA A 144 -16.74 -7.39 -5.04
CA ALA A 144 -15.93 -6.49 -5.87
C ALA A 144 -14.49 -7.01 -6.04
N ARG A 145 -13.80 -6.52 -7.07
CA ARG A 145 -12.46 -6.98 -7.40
C ARG A 145 -11.40 -6.49 -6.42
N LEU A 146 -10.33 -7.28 -6.28
CA LEU A 146 -9.18 -6.90 -5.48
C LEU A 146 -8.31 -5.89 -6.24
N PRO A 147 -7.64 -4.97 -5.52
CA PRO A 147 -6.65 -4.12 -6.19
C PRO A 147 -5.29 -4.81 -6.27
N TYR A 148 -4.63 -4.72 -7.42
CA TYR A 148 -3.28 -5.27 -7.57
C TYR A 148 -2.20 -4.18 -7.46
N LEU A 149 -0.94 -4.60 -7.54
CA LEU A 149 0.20 -3.70 -7.45
C LEU A 149 0.63 -3.23 -8.83
N ARG A 150 0.52 -1.93 -9.07
CA ARG A 150 0.94 -1.34 -10.35
C ARG A 150 2.46 -1.25 -10.46
N THR A 151 3.09 -0.53 -9.54
CA THR A 151 4.55 -0.41 -9.50
C THR A 151 5.09 -0.07 -8.10
N TRP A 152 6.36 -0.37 -7.87
CA TRP A 152 7.01 -0.10 -6.58
C TRP A 152 8.48 0.27 -6.74
N PHE A 153 9.01 1.04 -5.80
CA PHE A 153 10.45 1.32 -5.75
C PHE A 153 10.94 1.55 -4.32
N ARG A 154 12.22 1.29 -4.09
CA ARG A 154 12.84 1.47 -2.78
C ARG A 154 13.77 2.67 -2.73
N THR A 155 13.61 3.51 -1.71
CA THR A 155 14.54 4.59 -1.44
C THR A 155 15.39 4.21 -0.23
N ARG A 156 16.16 5.17 0.28
CA ARG A 156 16.99 4.94 1.46
C ARG A 156 16.13 4.85 2.72
N SER A 157 15.08 5.66 2.78
CA SER A 157 14.28 5.82 3.99
C SER A 157 12.98 5.03 3.97
N ALA A 158 12.47 4.70 2.78
CA ALA A 158 11.15 4.10 2.65
C ALA A 158 10.98 3.23 1.40
N ILE A 159 9.98 2.35 1.44
CA ILE A 159 9.54 1.59 0.26
C ILE A 159 8.14 2.08 -0.15
N ILE A 160 7.94 2.32 -1.44
CA ILE A 160 6.74 2.98 -1.95
C ILE A 160 5.86 2.00 -2.75
N LEU A 161 4.63 1.81 -2.31
CA LEU A 161 3.71 0.85 -2.91
C LEU A 161 2.48 1.52 -3.51
N HIS A 162 2.36 1.44 -4.84
CA HIS A 162 1.32 2.12 -5.61
C HIS A 162 0.33 1.09 -6.19
N LEU A 163 -0.90 1.12 -5.69
CA LEU A 163 -1.92 0.13 -6.05
C LEU A 163 -2.77 0.56 -7.25
N SER A 164 -3.67 -0.32 -7.69
CA SER A 164 -4.51 -0.07 -8.87
C SER A 164 -5.85 0.59 -8.54
N ASN A 165 -6.09 0.88 -7.25
CA ASN A 165 -7.29 1.60 -6.82
C ASN A 165 -7.02 3.07 -6.49
N GLY A 166 -5.82 3.54 -6.86
CA GLY A 166 -5.43 4.93 -6.64
C GLY A 166 -4.58 5.18 -5.39
N SER A 167 -4.43 4.16 -4.55
CA SER A 167 -3.70 4.26 -3.28
C SER A 167 -2.18 4.35 -3.43
N VAL A 168 -1.54 5.05 -2.50
CA VAL A 168 -0.08 5.05 -2.35
C VAL A 168 0.29 4.85 -0.89
N GLN A 169 0.97 3.75 -0.58
CA GLN A 169 1.43 3.45 0.77
C GLN A 169 2.96 3.58 0.88
N ILE A 170 3.43 4.22 1.94
CA ILE A 170 4.85 4.44 2.15
C ILE A 170 5.29 3.99 3.56
N ASN A 171 5.96 2.83 3.61
CA ASN A 171 6.50 2.30 4.86
C ASN A 171 7.93 2.77 5.07
N PHE A 172 8.20 3.35 6.23
CA PHE A 172 9.52 3.88 6.55
C PHE A 172 10.33 2.84 7.33
N PHE A 173 11.63 2.77 7.02
CA PHE A 173 12.48 1.67 7.49
C PHE A 173 12.95 1.74 8.95
N GLN A 174 13.44 2.91 9.37
CA GLN A 174 14.05 3.08 10.69
C GLN A 174 13.03 3.07 11.83
N ASP A 175 12.04 3.96 11.75
CA ASP A 175 11.09 4.15 12.85
C ASP A 175 9.78 3.38 12.68
N HIS A 176 9.74 2.46 11.71
CA HIS A 176 8.62 1.53 11.51
C HIS A 176 7.26 2.18 11.19
N THR A 177 7.26 3.49 10.94
CA THR A 177 6.02 4.25 10.66
C THR A 177 5.51 4.03 9.23
N LYS A 178 4.21 4.20 9.03
CA LYS A 178 3.56 3.92 7.75
C LYS A 178 2.60 5.03 7.33
N LEU A 179 2.46 5.23 6.02
CA LEU A 179 1.69 6.36 5.48
C LEU A 179 0.79 5.94 4.29
N ILE A 180 -0.52 5.84 4.54
CA ILE A 180 -1.48 5.43 3.51
C ILE A 180 -2.25 6.62 2.93
N LEU A 181 -2.07 6.85 1.64
CA LEU A 181 -2.68 8.00 0.93
C LEU A 181 -3.86 7.58 0.06
N CYS A 182 -5.04 8.13 0.38
CA CYS A 182 -6.26 7.84 -0.37
C CYS A 182 -6.82 9.09 -1.07
N PRO A 183 -6.57 9.21 -2.39
CA PRO A 183 -6.89 10.44 -3.12
C PRO A 183 -8.37 10.59 -3.51
N LEU A 184 -9.15 9.51 -3.39
CA LEU A 184 -10.54 9.51 -3.84
C LEU A 184 -11.46 10.33 -2.93
N MET A 185 -11.33 10.12 -1.63
CA MET A 185 -12.04 10.94 -0.63
C MET A 185 -11.08 11.85 0.15
N ALA A 186 -9.91 12.10 -0.45
CA ALA A 186 -8.86 12.96 0.11
C ALA A 186 -8.60 12.72 1.61
N ALA A 187 -7.83 11.68 1.91
CA ALA A 187 -7.51 11.31 3.28
C ALA A 187 -6.14 10.67 3.42
N VAL A 188 -5.60 10.70 4.63
CA VAL A 188 -4.36 10.02 4.97
C VAL A 188 -4.52 9.25 6.29
N THR A 189 -4.03 8.01 6.30
CA THR A 189 -4.07 7.18 7.48
C THR A 189 -2.63 7.02 8.01
N TYR A 190 -2.44 7.42 9.26
CA TYR A 190 -1.12 7.40 9.88
C TYR A 190 -1.01 6.23 10.88
N ILE A 191 0.17 5.63 10.91
CA ILE A 191 0.51 4.63 11.93
C ILE A 191 1.88 4.99 12.50
N ASP A 192 1.92 5.28 13.80
CA ASP A 192 3.17 5.67 14.46
C ASP A 192 3.95 4.44 14.94
N GLU A 193 5.15 4.68 15.47
CA GLU A 193 6.05 3.62 15.93
C GLU A 193 5.49 2.83 17.12
N LYS A 194 4.77 3.51 18.01
CA LYS A 194 4.08 2.87 19.13
C LYS A 194 2.85 2.10 18.64
N ARG A 195 2.61 2.16 17.33
CA ARG A 195 1.54 1.44 16.64
C ARG A 195 0.13 1.87 17.07
N ASP A 196 -0.15 3.15 16.89
CA ASP A 196 -1.48 3.73 17.10
C ASP A 196 -1.93 4.40 15.80
N PHE A 197 -3.18 4.17 15.41
CA PHE A 197 -3.68 4.64 14.11
C PHE A 197 -4.60 5.86 14.17
N ARG A 198 -4.37 6.80 13.25
CA ARG A 198 -5.19 8.00 13.12
C ARG A 198 -5.51 8.30 11.66
N THR A 199 -6.78 8.58 11.37
CA THR A 199 -7.22 8.91 10.01
C THR A 199 -7.58 10.39 9.89
N TYR A 200 -6.89 11.08 8.98
CA TYR A 200 -7.01 12.52 8.82
C TYR A 200 -7.61 12.96 7.49
N ARG A 201 -8.31 14.08 7.51
CA ARG A 201 -8.73 14.78 6.29
C ARG A 201 -7.68 15.84 5.98
N LEU A 202 -7.19 15.85 4.75
CA LEU A 202 -6.13 16.77 4.32
C LEU A 202 -6.57 18.23 4.35
N SER A 203 -7.82 18.50 3.98
CA SER A 203 -8.36 19.87 4.01
C SER A 203 -8.45 20.39 5.45
N LEU A 204 -8.74 19.49 6.38
CA LEU A 204 -8.81 19.81 7.80
C LEU A 204 -7.41 19.88 8.42
N LEU A 205 -6.47 19.14 7.82
CA LEU A 205 -5.06 19.20 8.23
C LEU A 205 -4.39 20.52 7.84
N GLU A 206 -5.01 21.26 6.93
CA GLU A 206 -4.60 22.64 6.64
C GLU A 206 -5.16 23.57 7.70
N GLU A 207 -6.48 23.50 7.86
CA GLU A 207 -7.23 24.34 8.79
C GLU A 207 -6.64 24.35 10.21
N TYR A 208 -6.23 23.17 10.68
CA TYR A 208 -5.81 23.00 12.07
C TYR A 208 -4.33 22.65 12.27
N GLY A 209 -3.67 22.20 11.21
CA GLY A 209 -2.23 21.88 11.27
C GLY A 209 -1.91 20.56 11.93
N CYS A 210 -0.63 20.15 11.84
CA CYS A 210 -0.14 18.92 12.45
C CYS A 210 1.28 19.07 13.00
N CYS A 211 1.83 17.99 13.56
CA CYS A 211 3.18 18.02 14.14
C CYS A 211 4.29 18.00 13.06
N LYS A 212 5.54 18.06 13.50
CA LYS A 212 6.69 18.10 12.59
C LYS A 212 6.88 16.80 11.78
N GLU A 213 6.79 15.66 12.46
CA GLU A 213 6.97 14.36 11.81
C GLU A 213 5.89 14.02 10.78
N LEU A 214 4.67 14.51 11.00
CA LEU A 214 3.61 14.33 10.02
C LEU A 214 3.78 15.27 8.82
N ALA A 215 4.34 16.46 9.07
CA ALA A 215 4.57 17.45 8.02
C ALA A 215 5.78 17.11 7.14
N SER A 216 6.84 16.61 7.77
CA SER A 216 8.06 16.20 7.07
C SER A 216 7.87 14.94 6.23
N ARG A 217 6.91 14.11 6.62
CA ARG A 217 6.57 12.90 5.89
C ARG A 217 5.48 13.13 4.83
N LEU A 218 4.75 14.24 4.95
CA LEU A 218 3.81 14.67 3.91
C LEU A 218 4.48 15.49 2.82
N ARG A 219 5.65 16.04 3.12
CA ARG A 219 6.53 16.64 2.11
C ARG A 219 7.30 15.55 1.38
N TYR A 220 7.70 14.51 2.11
CA TYR A 220 8.46 13.40 1.53
C TYR A 220 7.61 12.53 0.63
N ALA A 221 6.33 12.37 0.98
CA ALA A 221 5.38 11.60 0.18
C ALA A 221 5.15 12.24 -1.18
N ARG A 222 5.04 13.57 -1.18
CA ARG A 222 4.89 14.37 -2.39
C ARG A 222 6.06 14.13 -3.36
N THR A 223 7.26 14.00 -2.82
CA THR A 223 8.48 13.74 -3.61
C THR A 223 8.45 12.36 -4.26
N MET A 224 7.86 11.39 -3.55
CA MET A 224 7.72 10.02 -4.04
C MET A 224 6.66 9.91 -5.14
N VAL A 225 5.65 10.75 -5.06
CA VAL A 225 4.62 10.87 -6.10
C VAL A 225 5.24 11.37 -7.41
N ASP A 226 6.13 12.36 -7.30
CA ASP A 226 6.89 12.87 -8.45
C ASP A 226 7.81 11.82 -9.08
N LYS A 227 8.31 10.90 -8.25
CA LYS A 227 9.12 9.77 -8.70
C LYS A 227 8.28 8.72 -9.42
N LEU A 228 7.07 8.51 -8.93
CA LEU A 228 6.12 7.54 -9.51
C LEU A 228 5.64 7.96 -10.90
N LEU A 229 5.65 9.27 -11.17
CA LEU A 229 5.28 9.80 -12.47
C LEU A 229 6.46 9.77 -13.44
N SER A 230 7.67 9.64 -12.90
CA SER A 230 8.90 9.74 -13.68
C SER A 230 9.55 8.40 -14.02
N SER A 231 9.18 7.33 -13.32
CA SER A 231 9.74 6.01 -13.56
C SER A 231 9.01 5.22 -14.65
N ARG A 232 8.02 5.87 -15.27
CA ARG A 232 7.19 5.27 -16.33
C ARG A 232 7.93 5.15 -17.65
N ASP B 2 15.70 -18.16 -0.66
CA ASP B 2 15.70 -17.44 0.64
C ASP B 2 15.97 -15.95 0.39
N PRO B 3 14.98 -15.05 0.62
CA PRO B 3 14.96 -13.60 0.29
C PRO B 3 16.01 -12.78 0.94
N PRO B 4 16.33 -12.02 0.02
CA PRO B 4 17.28 -11.01 0.47
C PRO B 4 16.66 -9.95 1.38
N LEU B 5 15.40 -9.57 1.11
CA LEU B 5 14.72 -8.51 1.86
C LEU B 5 13.22 -8.79 2.03
N HIS B 6 12.67 -8.32 3.16
CA HIS B 6 11.24 -8.50 3.49
C HIS B 6 10.74 -7.47 4.50
N SER B 7 9.43 -7.48 4.77
CA SER B 7 8.83 -6.58 5.77
C SER B 7 9.15 -7.02 7.20
N ALA B 9 9.81 -8.47 10.60
CA ALA B 9 9.82 -9.86 11.00
C ALA B 9 9.74 -10.00 12.52
#